data_8AMY
#
_entry.id   8AMY
#
_cell.length_a   52.860
_cell.length_b   52.860
_cell.length_c   137.430
_cell.angle_alpha   90.000
_cell.angle_beta   90.000
_cell.angle_gamma   90.000
#
_symmetry.space_group_name_H-M   'I 41 2 2'
#
loop_
_entity.id
_entity.type
_entity.pdbx_description
1 polymer 'Mu8.1 conotoxin'
2 non-polymer '2-(N-MORPHOLINO)-ETHANESULFONIC ACID'
3 non-polymer 1-ETHOXY-2-(2-ETHOXYETHOXY)ETHANE
4 non-polymer 'BICARBONATE ION'
5 non-polymer 'SULFATE ION'
6 non-polymer 'ZINC ION'
7 non-polymer 'SODIUM ION'
8 water water
#
_entity_poly.entity_id   1
_entity_poly.type   'polypeptide(L)'
_entity_poly.pdbx_seq_one_letter_code
;GENSDNLTHCRLFEFRLCLLECMSLTLDHCYARCTTVITQIHGSDTNRFDCTIFKTCYYRCYVLGKTEDHCWKGTATSVT
GDVGDLEFC
;
_entity_poly.pdbx_strand_id   A
#
# COMPACT_ATOMS: atom_id res chain seq x y z
N ASP A 5 -13.39 -8.43 -6.01
CA ASP A 5 -12.37 -7.62 -6.69
C ASP A 5 -11.07 -8.39 -6.91
N ASN A 6 -10.30 -7.96 -7.92
CA ASN A 6 -9.12 -8.74 -8.28
C ASN A 6 -8.00 -8.60 -7.23
N LEU A 7 -8.03 -7.53 -6.42
CA LEU A 7 -6.97 -7.29 -5.43
C LEU A 7 -7.43 -7.54 -4.01
N THR A 8 -8.55 -8.21 -3.82
CA THR A 8 -9.03 -8.43 -2.46
C THR A 8 -8.01 -9.20 -1.61
N HIS A 9 -7.24 -10.09 -2.23
CA HIS A 9 -6.27 -10.86 -1.48
C HIS A 9 -5.15 -10.01 -0.94
N CYS A 10 -5.03 -8.79 -1.41
CA CYS A 10 -3.88 -7.98 -0.97
C CYS A 10 -4.13 -7.27 0.35
N ARG A 11 -5.40 -7.16 0.81
CA ARG A 11 -5.72 -6.55 2.09
C ARG A 11 -5.21 -5.10 2.12
N LEU A 12 -5.46 -4.33 1.04
CA LEU A 12 -4.77 -3.05 0.87
C LEU A 12 -5.33 -1.98 1.79
N PHE A 13 -6.62 -2.03 2.13
CA PHE A 13 -7.14 -1.08 3.10
C PHE A 13 -6.53 -1.31 4.47
N GLU A 14 -6.37 -2.57 4.82
CA GLU A 14 -5.66 -2.96 6.03
C GLU A 14 -4.23 -2.39 6.02
N PHE A 15 -3.54 -2.51 4.90
CA PHE A 15 -2.20 -1.92 4.79
C PHE A 15 -2.26 -0.42 4.95
N ARG A 16 -3.20 0.22 4.29
CA ARG A 16 -3.34 1.67 4.40
C ARG A 16 -3.54 2.10 5.84
N LEU A 17 -4.48 1.45 6.53
N LEU A 17 -4.52 1.50 6.50
CA LEU A 17 -4.77 1.86 7.90
CA LEU A 17 -4.75 1.89 7.88
C LEU A 17 -3.60 1.58 8.82
C LEU A 17 -3.49 1.69 8.70
N CYS A 18 -2.83 0.54 8.52
CA CYS A 18 -1.61 0.25 9.29
C CYS A 18 -0.58 1.36 9.09
N LEU A 19 -0.36 1.74 7.82
CA LEU A 19 0.68 2.71 7.59
C LEU A 19 0.33 4.05 8.22
N LEU A 20 -0.95 4.46 8.12
CA LEU A 20 -1.39 5.71 8.71
C LEU A 20 -1.19 5.72 10.22
N GLU A 21 -1.55 4.62 10.89
CA GLU A 21 -1.41 4.52 12.34
C GLU A 21 0.04 4.51 12.75
N CYS A 22 0.84 3.72 12.06
CA CYS A 22 2.27 3.65 12.34
C CYS A 22 2.95 5.01 12.18
N MET A 23 2.63 5.72 11.09
N MET A 23 2.64 5.73 11.09
CA MET A 23 3.22 7.05 10.89
CA MET A 23 3.24 7.05 10.92
C MET A 23 2.73 8.05 11.95
C MET A 23 2.72 8.06 11.94
N SER A 24 1.47 7.94 12.36
CA SER A 24 0.95 8.82 13.39
C SER A 24 1.70 8.63 14.71
N LEU A 25 2.15 7.42 14.99
CA LEU A 25 2.92 7.12 16.18
C LEU A 25 4.40 7.47 16.05
N THR A 26 4.81 7.93 14.87
CA THR A 26 6.20 8.32 14.53
C THR A 26 7.19 7.15 14.62
N LEU A 27 6.73 5.97 14.24
CA LEU A 27 7.59 4.81 14.37
C LEU A 27 8.53 4.66 13.17
N ASP A 28 9.59 3.87 13.36
CA ASP A 28 10.56 3.63 12.32
C ASP A 28 10.06 2.50 11.45
N HIS A 29 10.46 2.55 10.19
CA HIS A 29 10.20 1.46 9.25
C HIS A 29 8.73 1.03 9.17
N CYS A 30 7.84 2.00 8.96
CA CYS A 30 6.42 1.65 8.90
C CYS A 30 6.06 0.80 7.69
N TYR A 31 6.64 1.08 6.53
CA TYR A 31 6.28 0.26 5.37
C TYR A 31 6.63 -1.19 5.64
N ALA A 32 7.85 -1.41 6.10
CA ALA A 32 8.33 -2.78 6.37
C ALA A 32 7.49 -3.46 7.43
N ARG A 33 7.16 -2.74 8.50
CA ARG A 33 6.57 -3.33 9.68
C ARG A 33 5.10 -3.61 9.45
N CYS A 34 4.46 -2.73 8.72
CA CYS A 34 3.09 -3.04 8.32
C CYS A 34 3.05 -4.20 7.36
N THR A 35 3.94 -4.24 6.39
CA THR A 35 3.97 -5.40 5.48
C THR A 35 4.11 -6.71 6.25
N THR A 36 5.02 -6.71 7.19
CA THR A 36 5.31 -7.89 7.97
C THR A 36 4.12 -8.35 8.81
N VAL A 37 3.46 -7.41 9.48
CA VAL A 37 2.33 -7.77 10.34
C VAL A 37 1.20 -8.33 9.50
N ILE A 38 0.93 -7.68 8.36
CA ILE A 38 -0.16 -8.18 7.52
C ILE A 38 0.17 -9.58 7.00
N THR A 39 1.45 -9.87 6.69
CA THR A 39 1.87 -11.24 6.32
C THR A 39 1.58 -12.22 7.44
N GLN A 40 1.84 -11.79 8.67
CA GLN A 40 1.70 -12.70 9.82
C GLN A 40 0.24 -13.02 10.05
N ILE A 41 -0.65 -12.06 9.80
CA ILE A 41 -2.10 -12.21 10.03
C ILE A 41 -2.79 -12.86 8.84
N HIS A 42 -2.44 -12.47 7.62
CA HIS A 42 -3.23 -12.91 6.46
C HIS A 42 -2.46 -13.72 5.44
N GLY A 43 -1.21 -13.97 5.67
CA GLY A 43 -0.47 -14.93 4.86
C GLY A 43 0.19 -14.42 3.59
N SER A 44 0.70 -15.39 2.82
CA SER A 44 1.56 -15.03 1.70
C SER A 44 0.83 -14.34 0.59
N ASP A 45 -0.50 -14.48 0.51
CA ASP A 45 -1.20 -13.86 -0.62
C ASP A 45 -1.06 -12.34 -0.61
N THR A 46 -0.80 -11.74 0.54
CA THR A 46 -0.64 -10.30 0.65
C THR A 46 0.67 -9.83 0.04
N ASN A 47 1.60 -10.74 -0.22
CA ASN A 47 2.87 -10.38 -0.85
C ASN A 47 2.98 -10.72 -2.33
N ARG A 48 1.87 -10.98 -3.06
CA ARG A 48 2.02 -11.21 -4.46
C ARG A 48 2.46 -9.94 -5.19
N PHE A 49 2.97 -10.14 -6.39
CA PHE A 49 3.54 -9.02 -7.10
C PHE A 49 2.48 -7.99 -7.45
N ASP A 50 1.25 -8.39 -7.72
CA ASP A 50 0.24 -7.40 -8.02
C ASP A 50 -0.02 -6.52 -6.79
N CYS A 51 -0.01 -7.10 -5.61
CA CYS A 51 -0.06 -6.30 -4.37
C CYS A 51 1.13 -5.36 -4.32
N THR A 52 2.32 -5.85 -4.70
CA THR A 52 3.53 -5.01 -4.63
C THR A 52 3.40 -3.78 -5.55
N ILE A 53 2.90 -4.01 -6.76
CA ILE A 53 2.70 -2.92 -7.70
C ILE A 53 1.77 -1.88 -7.10
N PHE A 54 0.64 -2.31 -6.54
CA PHE A 54 -0.32 -1.32 -6.02
C PHE A 54 0.33 -0.51 -4.90
N LYS A 55 0.96 -1.24 -3.97
CA LYS A 55 1.59 -0.60 -2.85
C LYS A 55 2.70 0.35 -3.27
N THR A 56 3.48 -0.04 -4.26
CA THR A 56 4.56 0.83 -4.70
C THR A 56 4.00 2.11 -5.32
N CYS A 57 2.95 1.96 -6.14
CA CYS A 57 2.33 3.15 -6.74
C CYS A 57 1.83 4.10 -5.66
N TYR A 58 1.13 3.54 -4.67
CA TYR A 58 0.55 4.32 -3.59
C TYR A 58 1.62 4.96 -2.73
N TYR A 59 2.64 4.18 -2.36
CA TYR A 59 3.64 4.67 -1.41
C TYR A 59 4.62 5.65 -2.06
N ARG A 60 4.99 5.44 -3.34
CA ARG A 60 5.80 6.44 -4.04
C ARG A 60 5.11 7.80 -4.06
N CYS A 61 3.81 7.80 -4.30
CA CYS A 61 2.99 9.00 -4.37
C CYS A 61 2.95 9.68 -3.02
N TYR A 62 2.68 8.92 -1.96
N TYR A 62 2.79 8.87 -1.96
CA TYR A 62 2.77 9.54 -0.64
CA TYR A 62 2.73 9.30 -0.58
C TYR A 62 4.17 10.05 -0.40
C TYR A 62 4.09 9.70 -0.03
N VAL A 63 5.18 9.21 -0.63
CA VAL A 63 6.54 9.58 -0.29
C VAL A 63 6.94 10.87 -1.02
N LEU A 64 6.85 10.85 -2.35
CA LEU A 64 7.26 11.96 -3.19
C LEU A 64 6.38 13.21 -3.03
N GLY A 65 5.37 13.17 -2.17
CA GLY A 65 4.44 14.28 -2.04
C GLY A 65 3.62 14.20 -0.78
N LYS A 66 2.35 14.61 -0.87
CA LYS A 66 1.53 14.59 0.32
C LYS A 66 0.10 14.27 -0.05
N THR A 67 -0.85 14.76 0.76
CA THR A 67 -2.24 14.30 0.68
C THR A 67 -2.24 12.79 0.45
N GLU A 68 -1.98 12.03 1.51
CA GLU A 68 -2.18 10.60 1.46
C GLU A 68 -3.55 10.23 0.89
N ASP A 69 -4.53 11.13 1.00
CA ASP A 69 -5.90 10.79 0.63
C ASP A 69 -6.07 10.70 -0.89
N HIS A 70 -5.48 11.63 -1.66
CA HIS A 70 -5.55 11.51 -3.10
C HIS A 70 -4.63 10.38 -3.60
N CYS A 71 -3.48 10.16 -2.94
CA CYS A 71 -2.65 9.01 -3.31
C CYS A 71 -3.43 7.71 -3.23
N TRP A 72 -4.23 7.54 -2.17
CA TRP A 72 -5.02 6.32 -2.04
C TRP A 72 -6.14 6.27 -3.07
N LYS A 73 -6.91 7.35 -3.17
CA LYS A 73 -8.07 7.33 -4.05
C LYS A 73 -7.65 7.15 -5.50
N GLY A 74 -6.54 7.76 -5.91
CA GLY A 74 -6.13 7.63 -7.30
C GLY A 74 -5.59 6.24 -7.61
N THR A 75 -4.76 5.71 -6.72
CA THR A 75 -4.26 4.38 -6.95
C THR A 75 -5.43 3.39 -6.96
N ALA A 76 -6.31 3.52 -5.99
CA ALA A 76 -7.41 2.58 -5.90
C ALA A 76 -8.28 2.59 -7.15
N THR A 77 -8.40 3.74 -7.82
CA THR A 77 -9.24 3.75 -9.01
C THR A 77 -8.52 3.31 -10.28
N SER A 78 -7.22 3.56 -10.41
CA SER A 78 -6.56 3.37 -11.71
C SER A 78 -5.55 2.24 -11.75
N VAL A 79 -5.18 1.64 -10.62
CA VAL A 79 -4.16 0.62 -10.57
C VAL A 79 -4.81 -0.72 -10.27
N THR A 80 -4.63 -1.67 -11.18
CA THR A 80 -5.07 -3.05 -11.00
C THR A 80 -3.96 -3.98 -10.56
N GLY A 81 -2.73 -3.49 -10.45
CA GLY A 81 -1.58 -4.31 -10.08
C GLY A 81 -0.86 -4.87 -11.28
N ASP A 82 -1.16 -4.37 -12.46
CA ASP A 82 -0.40 -4.75 -13.64
C ASP A 82 0.94 -4.05 -13.60
N VAL A 83 1.99 -4.78 -14.03
CA VAL A 83 3.35 -4.26 -13.99
C VAL A 83 3.44 -2.96 -14.78
N GLY A 84 2.64 -2.85 -15.83
CA GLY A 84 2.58 -1.63 -16.62
C GLY A 84 2.01 -0.44 -15.88
N ASP A 85 1.37 -0.66 -14.74
CA ASP A 85 0.80 0.50 -14.05
C ASP A 85 1.87 1.41 -13.49
N LEU A 86 3.10 0.91 -13.30
CA LEU A 86 4.19 1.76 -12.84
C LEU A 86 4.48 2.91 -13.76
N GLU A 87 4.19 2.75 -15.06
CA GLU A 87 4.54 3.79 -16.02
C GLU A 87 3.75 5.07 -15.78
N PHE A 88 2.53 4.96 -15.21
CA PHE A 88 1.68 6.13 -15.04
C PHE A 88 1.27 6.44 -13.62
N CYS A 89 1.33 5.49 -12.71
CA CYS A 89 0.94 5.74 -11.31
C CYS A 89 2.04 6.51 -10.54
#